data_3WZD
#
_entry.id   3WZD
#
_cell.length_a   42.334
_cell.length_b   84.225
_cell.length_c   46.892
_cell.angle_alpha   90.00
_cell.angle_beta   100.20
_cell.angle_gamma   90.00
#
_symmetry.space_group_name_H-M   'P 1 21 1'
#
loop_
_entity.id
_entity.type
_entity.pdbx_description
1 polymer 'Vascular endothelial growth factor receptor 2'
2 non-polymer 4-{3-chloro-4-[(cyclopropylcarbamoyl)amino]phenoxy}-7-methoxyquinoline-6-carboxamide
3 non-polymer 2,3-DIHYDROXY-1,4-DITHIOBUTANE
4 non-polymer 1,2-ETHANEDIOL
5 non-polymer GLYCEROL
6 non-polymer 'SULFATE ION'
7 water water
#
_entity_poly.entity_id   1
_entity_poly.type   'polypeptide(L)'
_entity_poly.pdbx_seq_one_letter_code
;DEHCERLPYDASKWEFPRDRLKLGKPLGRGAFGQVIEADAFGIDKTATCRTVAVKMLKEGATHSEHRALMSELKILIHIG
HHLNVVNLLGACTKPGGPLMVIVEFCKFGNLSTYLRSKRNEFVPYKVAPEDLYKDFLTLEHLICYSFQVAKGMEFLASRK
CIHRDLAARNILLSEKNVVKICDFGLARDIYKDPDYVRKGDARLPLKWMAPETIFDRVYTIQSDVWSFGVLLWEIFSLGA
SPYPGVKIDEEFCRRLKEGTRMRAPDYTTPEMYQTMLDCWHGEPSQRPTFSELVEHLGNLLQANAQQDG
;
_entity_poly.pdbx_strand_id   A
#
# COMPACT_ATOMS: atom_id res chain seq x y z
N LEU A 7 -10.19 -23.02 3.04
CA LEU A 7 -10.20 -21.75 3.86
C LEU A 7 -11.59 -21.51 4.49
N PRO A 8 -11.84 -22.04 5.71
CA PRO A 8 -13.18 -21.88 6.33
C PRO A 8 -13.41 -20.46 6.88
N TYR A 9 -14.68 -20.12 7.11
CA TYR A 9 -15.05 -18.81 7.69
C TYR A 9 -15.50 -18.98 9.14
N ASP A 10 -14.80 -18.29 10.04
CA ASP A 10 -15.06 -18.36 11.48
C ASP A 10 -15.98 -17.20 11.91
N ALA A 11 -17.28 -17.44 11.82
CA ALA A 11 -18.27 -16.40 12.10
C ALA A 11 -18.16 -15.89 13.52
N SER A 12 -17.84 -16.78 14.51
CA SER A 12 -17.71 -16.33 15.91
C SER A 12 -16.61 -15.30 16.07
N LYS A 13 -15.55 -15.41 15.27
CA LYS A 13 -14.48 -14.44 15.32
C LYS A 13 -14.80 -13.15 14.57
N TRP A 14 -15.33 -13.27 13.35
CA TRP A 14 -15.42 -12.16 12.41
C TRP A 14 -16.77 -11.53 12.12
N GLU A 15 -17.86 -12.22 12.37
CA GLU A 15 -19.17 -11.70 11.92
C GLU A 15 -19.58 -10.52 12.78
N PHE A 16 -20.07 -9.47 12.15
CA PHE A 16 -20.46 -8.21 12.82
C PHE A 16 -21.91 -7.89 12.40
N PRO A 17 -22.77 -7.43 13.32
CA PRO A 17 -24.17 -7.13 12.92
C PRO A 17 -24.29 -5.93 11.98
N ARG A 18 -25.04 -6.08 10.90
CA ARG A 18 -25.22 -4.97 9.97
C ARG A 18 -25.93 -3.79 10.65
N ASP A 19 -26.78 -4.06 11.65
CA ASP A 19 -27.51 -2.99 12.33
C ASP A 19 -26.64 -2.22 13.35
N ARG A 20 -25.35 -2.57 13.48
CA ARG A 20 -24.41 -1.84 14.30
C ARG A 20 -23.46 -1.00 13.46
N LEU A 21 -23.80 -0.83 12.17
CA LEU A 21 -23.10 0.09 11.26
C LEU A 21 -23.99 1.29 10.87
N LYS A 22 -23.38 2.48 10.81
CA LYS A 22 -23.98 3.66 10.20
C LYS A 22 -23.19 3.90 8.89
N LEU A 23 -23.84 3.66 7.77
CA LEU A 23 -23.16 3.72 6.46
C LEU A 23 -23.05 5.16 6.01
N GLY A 24 -21.84 5.53 5.58
CA GLY A 24 -21.56 6.87 5.15
C GLY A 24 -21.09 7.02 3.69
N LYS A 25 -20.30 8.05 3.50
CA LYS A 25 -19.91 8.47 2.15
C LYS A 25 -19.02 7.50 1.39
N PRO A 26 -19.16 7.50 0.06
CA PRO A 26 -18.20 6.69 -0.70
C PRO A 26 -16.77 7.19 -0.60
N LEU A 27 -15.83 6.27 -0.69
CA LEU A 27 -14.40 6.58 -0.63
C LEU A 27 -13.72 6.14 -1.91
N GLY A 28 -12.74 6.91 -2.32
CA GLY A 28 -11.82 6.45 -3.38
C GLY A 28 -12.37 6.57 -4.77
N GLY A 33 -13.37 -0.44 -5.89
CA GLY A 33 -14.69 -1.02 -5.67
C GLY A 33 -15.67 -0.13 -4.90
N GLN A 34 -16.83 -0.68 -4.53
CA GLN A 34 -17.81 0.05 -3.71
C GLN A 34 -17.30 0.04 -2.27
N VAL A 35 -16.42 0.99 -1.97
CA VAL A 35 -15.89 1.21 -0.64
C VAL A 35 -16.52 2.46 -0.06
N ILE A 36 -17.00 2.34 1.17
CA ILE A 36 -17.65 3.44 1.84
C ILE A 36 -17.05 3.60 3.23
N GLU A 37 -17.14 4.81 3.75
CA GLU A 37 -16.90 5.08 5.14
C GLU A 37 -18.10 4.66 5.96
N ALA A 38 -17.86 4.19 7.18
CA ALA A 38 -18.97 3.85 8.09
C ALA A 38 -18.50 4.01 9.51
N ASP A 39 -19.47 4.19 10.41
CA ASP A 39 -19.18 4.11 11.81
C ASP A 39 -19.74 2.80 12.36
N ALA A 40 -18.89 2.07 13.08
CA ALA A 40 -19.23 0.80 13.71
C ALA A 40 -19.32 0.91 15.21
N PHE A 41 -20.37 0.30 15.78
CA PHE A 41 -20.67 0.43 17.22
C PHE A 41 -20.38 -0.93 17.86
N GLY A 42 -19.30 -0.99 18.64
CA GLY A 42 -18.95 -2.21 19.38
C GLY A 42 -18.05 -3.17 18.62
N ILE A 43 -17.35 -2.71 17.60
CA ILE A 43 -16.38 -3.56 16.92
C ILE A 43 -15.07 -3.57 17.74
N ASP A 44 -14.88 -2.53 18.57
CA ASP A 44 -13.63 -2.24 19.29
C ASP A 44 -14.00 -2.10 20.78
N LYS A 45 -13.32 -2.83 21.66
CA LYS A 45 -13.60 -2.76 23.12
C LYS A 45 -13.20 -1.45 23.80
N THR A 46 -12.22 -0.71 23.23
CA THR A 46 -11.73 0.56 23.81
C THR A 46 -12.47 1.83 23.33
N ALA A 47 -13.23 1.71 22.22
CA ALA A 47 -14.04 2.81 21.71
C ALA A 47 -15.47 2.31 21.47
N THR A 48 -16.45 3.07 21.94
CA THR A 48 -17.85 2.76 21.68
C THR A 48 -18.17 2.81 20.18
N CYS A 49 -17.65 3.85 19.53
CA CYS A 49 -17.87 4.12 18.10
C CYS A 49 -16.50 4.15 17.44
N ARG A 50 -16.36 3.48 16.29
CA ARG A 50 -15.10 3.51 15.53
C ARG A 50 -15.40 3.62 14.05
N THR A 51 -14.71 4.55 13.39
CA THR A 51 -14.87 4.74 11.97
C THR A 51 -14.05 3.66 11.28
N VAL A 52 -14.67 3.04 10.28
CA VAL A 52 -14.15 1.92 9.51
C VAL A 52 -14.36 2.17 8.02
N ALA A 53 -13.69 1.38 7.16
CA ALA A 53 -13.98 1.33 5.73
C ALA A 53 -14.69 0.01 5.43
N VAL A 54 -15.70 0.07 4.59
CA VAL A 54 -16.52 -1.11 4.28
C VAL A 54 -16.53 -1.32 2.77
N LYS A 55 -16.17 -2.52 2.33
CA LYS A 55 -16.30 -2.88 0.90
C LYS A 55 -17.56 -3.71 0.79
N MET A 56 -18.48 -3.24 -0.04
CA MET A 56 -19.80 -3.84 -0.16
C MET A 56 -19.99 -4.41 -1.56
N LEU A 57 -20.62 -5.57 -1.64
CA LEU A 57 -20.90 -6.19 -2.91
C LEU A 57 -21.95 -5.37 -3.64
N LYS A 58 -21.65 -4.97 -4.89
CA LYS A 58 -22.58 -4.19 -5.73
C LYS A 58 -23.96 -4.85 -5.85
N GLU A 59 -25.01 -4.03 -5.94
CA GLU A 59 -26.36 -4.52 -6.25
C GLU A 59 -26.31 -5.16 -7.65
N GLY A 60 -26.95 -6.31 -7.81
CA GLY A 60 -26.91 -7.06 -9.07
C GLY A 60 -25.57 -7.70 -9.42
N ALA A 61 -24.69 -7.89 -8.43
CA ALA A 61 -23.42 -8.57 -8.66
C ALA A 61 -23.66 -9.95 -9.20
N THR A 62 -22.81 -10.37 -10.14
CA THR A 62 -22.81 -11.72 -10.69
C THR A 62 -22.21 -12.66 -9.66
N HIS A 63 -22.39 -13.95 -9.89
CA HIS A 63 -21.72 -14.99 -9.09
C HIS A 63 -20.21 -14.79 -9.03
N SER A 64 -19.59 -14.56 -10.20
N SER A 64 -19.60 -14.56 -10.20
CA SER A 64 -18.14 -14.32 -10.27
CA SER A 64 -18.16 -14.30 -10.29
C SER A 64 -17.70 -13.13 -9.43
C SER A 64 -17.72 -13.13 -9.42
N GLU A 65 -18.44 -12.02 -9.53
CA GLU A 65 -18.18 -10.84 -8.68
C GLU A 65 -18.36 -11.11 -7.17
N HIS A 66 -19.39 -11.88 -6.83
CA HIS A 66 -19.65 -12.28 -5.44
C HIS A 66 -18.48 -13.18 -4.95
N ARG A 67 -18.13 -14.20 -5.73
CA ARG A 67 -16.95 -15.03 -5.47
C ARG A 67 -15.70 -14.21 -5.18
N ALA A 68 -15.50 -13.21 -6.02
CA ALA A 68 -14.30 -12.34 -5.93
C ALA A 68 -14.20 -11.58 -4.61
N LEU A 69 -15.32 -11.03 -4.15
CA LEU A 69 -15.31 -10.29 -2.88
C LEU A 69 -15.13 -11.29 -1.73
N MET A 70 -15.79 -12.44 -1.81
CA MET A 70 -15.55 -13.47 -0.80
C MET A 70 -14.08 -13.90 -0.76
N SER A 71 -13.45 -14.03 -1.93
N SER A 71 -13.45 -14.04 -1.93
CA SER A 71 -12.03 -14.40 -2.03
CA SER A 71 -12.03 -14.40 -2.01
C SER A 71 -11.15 -13.34 -1.34
C SER A 71 -11.17 -13.34 -1.29
N GLU A 72 -11.50 -12.07 -1.54
CA GLU A 72 -10.82 -10.95 -0.90
C GLU A 72 -10.93 -11.00 0.62
N LEU A 73 -12.14 -11.29 1.11
CA LEU A 73 -12.32 -11.48 2.54
C LEU A 73 -11.45 -12.60 3.09
N LYS A 74 -11.40 -13.73 2.37
CA LYS A 74 -10.62 -14.86 2.89
C LYS A 74 -9.12 -14.56 2.86
N ILE A 75 -8.65 -13.78 1.87
CA ILE A 75 -7.26 -13.30 1.84
C ILE A 75 -6.99 -12.49 3.12
N LEU A 76 -7.88 -11.57 3.42
CA LEU A 76 -7.73 -10.72 4.62
C LEU A 76 -7.74 -11.54 5.93
N ILE A 77 -8.58 -12.56 6.00
CA ILE A 77 -8.56 -13.48 7.17
C ILE A 77 -7.25 -14.27 7.26
N HIS A 78 -6.86 -14.90 6.16
CA HIS A 78 -5.69 -15.78 6.10
C HIS A 78 -4.37 -15.07 6.42
N ILE A 79 -4.22 -13.84 5.94
CA ILE A 79 -2.94 -13.15 5.99
C ILE A 79 -2.47 -12.84 7.43
N GLY A 80 -3.40 -12.44 8.29
CA GLY A 80 -3.07 -12.13 9.68
C GLY A 80 -2.80 -10.66 9.86
N HIS A 81 -2.65 -10.28 11.12
CA HIS A 81 -2.53 -8.89 11.51
C HIS A 81 -1.05 -8.40 11.42
N HIS A 82 -0.86 -7.22 10.85
CA HIS A 82 0.43 -6.52 10.96
C HIS A 82 0.13 -5.03 10.97
N LEU A 83 0.96 -4.27 11.69
CA LEU A 83 0.71 -2.83 11.79
C LEU A 83 0.69 -2.07 10.43
N ASN A 84 1.46 -2.59 9.49
CA ASN A 84 1.69 -1.93 8.20
C ASN A 84 0.94 -2.61 7.05
N VAL A 85 -0.13 -3.33 7.39
CA VAL A 85 -1.06 -3.91 6.42
C VAL A 85 -2.45 -3.48 6.82
N VAL A 86 -3.35 -3.28 5.85
N VAL A 86 -3.33 -3.25 5.84
CA VAL A 86 -4.73 -2.92 6.17
CA VAL A 86 -4.72 -2.95 6.15
C VAL A 86 -5.46 -4.16 6.69
C VAL A 86 -5.30 -4.22 6.78
N ASN A 87 -5.91 -4.07 7.94
CA ASN A 87 -6.37 -5.22 8.68
C ASN A 87 -7.89 -5.33 8.70
N LEU A 88 -8.34 -6.56 8.52
CA LEU A 88 -9.72 -6.92 8.73
C LEU A 88 -10.22 -6.70 10.17
N LEU A 89 -11.38 -6.03 10.31
CA LEU A 89 -12.04 -5.89 11.61
C LEU A 89 -13.30 -6.73 11.75
N GLY A 90 -13.96 -7.03 10.63
CA GLY A 90 -15.18 -7.80 10.65
C GLY A 90 -15.77 -7.98 9.29
N ALA A 91 -16.85 -8.76 9.22
CA ALA A 91 -17.58 -9.01 7.96
C ALA A 91 -19.02 -9.23 8.23
N CYS A 92 -19.86 -8.95 7.22
CA CYS A 92 -21.27 -9.24 7.26
C CYS A 92 -21.55 -10.20 6.11
N THR A 93 -21.82 -11.44 6.48
CA THR A 93 -21.94 -12.56 5.51
C THR A 93 -23.26 -13.26 5.61
N LYS A 94 -24.02 -13.08 6.69
CA LYS A 94 -25.20 -13.86 6.91
C LYS A 94 -26.38 -13.29 6.12
N PRO A 95 -27.42 -14.10 5.91
CA PRO A 95 -28.58 -13.62 5.16
C PRO A 95 -29.20 -12.31 5.68
N GLY A 96 -29.79 -11.57 4.74
CA GLY A 96 -30.58 -10.38 5.08
C GLY A 96 -29.93 -9.06 4.76
N GLY A 97 -28.81 -9.09 4.07
CA GLY A 97 -28.14 -7.89 3.57
C GLY A 97 -26.97 -8.25 2.68
N PRO A 98 -26.28 -7.23 2.15
CA PRO A 98 -25.12 -7.47 1.27
C PRO A 98 -23.90 -8.06 1.96
N LEU A 99 -23.07 -8.78 1.21
CA LEU A 99 -21.73 -9.14 1.67
C LEU A 99 -20.95 -7.85 1.90
N MET A 100 -20.39 -7.74 3.09
CA MET A 100 -19.63 -6.55 3.50
C MET A 100 -18.36 -6.96 4.22
N VAL A 101 -17.25 -6.30 3.83
CA VAL A 101 -15.92 -6.56 4.35
C VAL A 101 -15.48 -5.28 5.09
N ILE A 102 -15.24 -5.38 6.38
CA ILE A 102 -15.00 -4.21 7.22
C ILE A 102 -13.52 -4.18 7.63
N VAL A 103 -12.79 -3.14 7.23
CA VAL A 103 -11.38 -2.99 7.49
C VAL A 103 -11.09 -1.70 8.27
N GLU A 104 -9.87 -1.62 8.80
CA GLU A 104 -9.42 -0.41 9.48
C GLU A 104 -9.47 0.79 8.55
N PHE A 105 -9.94 1.93 9.04
CA PHE A 105 -10.02 3.19 8.28
C PHE A 105 -8.70 3.94 8.34
N CYS A 106 -8.25 4.43 7.18
CA CYS A 106 -6.99 5.18 7.03
C CYS A 106 -7.32 6.60 6.58
N LYS A 107 -7.39 7.50 7.57
CA LYS A 107 -8.00 8.83 7.41
C LYS A 107 -7.46 9.67 6.27
N PHE A 108 -6.18 9.55 5.99
CA PHE A 108 -5.53 10.43 5.01
C PHE A 108 -5.54 9.87 3.60
N GLY A 109 -6.07 8.65 3.43
CA GLY A 109 -6.18 8.06 2.08
C GLY A 109 -4.88 7.65 1.49
N ASN A 110 -4.82 7.55 0.15
CA ASN A 110 -3.66 6.97 -0.47
C ASN A 110 -2.44 7.90 -0.42
N LEU A 111 -1.27 7.27 -0.32
CA LEU A 111 -0.03 8.03 -0.05
C LEU A 111 0.40 8.94 -1.22
N SER A 112 0.15 8.52 -2.44
CA SER A 112 0.51 9.37 -3.60
C SER A 112 -0.23 10.71 -3.54
N THR A 113 -1.57 10.65 -3.47
CA THR A 113 -2.40 11.84 -3.36
C THR A 113 -1.98 12.71 -2.15
N TYR A 114 -1.71 12.07 -1.02
CA TYR A 114 -1.36 12.79 0.19
C TYR A 114 -0.05 13.54 0.02
N LEU A 115 0.97 12.81 -0.49
CA LEU A 115 2.29 13.46 -0.68
C LEU A 115 2.22 14.62 -1.66
N ARG A 116 1.43 14.49 -2.71
CA ARG A 116 1.25 15.61 -3.64
C ARG A 116 0.65 16.85 -3.00
N SER A 117 -0.23 16.65 -2.04
CA SER A 117 -0.88 17.73 -1.29
C SER A 117 0.11 18.52 -0.38
N LYS A 118 1.28 17.91 -0.10
CA LYS A 118 2.27 18.46 0.84
C LYS A 118 3.51 19.03 0.12
N ARG A 119 3.45 19.23 -1.20
CA ARG A 119 4.61 19.80 -1.94
C ARG A 119 5.13 21.16 -1.43
N ASN A 120 4.23 22.03 -0.98
CA ASN A 120 4.61 23.30 -0.37
C ASN A 120 4.78 23.27 1.16
N GLU A 121 4.74 22.06 1.72
CA GLU A 121 4.84 21.84 3.16
C GLU A 121 5.88 20.76 3.42
N PHE A 122 7.04 20.92 2.79
CA PHE A 122 8.17 20.02 2.96
C PHE A 122 9.45 20.80 3.25
N VAL A 123 10.17 20.33 4.26
CA VAL A 123 11.57 20.75 4.52
C VAL A 123 12.40 19.51 4.88
N PRO A 124 13.74 19.54 4.60
CA PRO A 124 14.51 18.33 4.88
C PRO A 124 14.45 17.93 6.36
N TYR A 125 14.52 18.93 7.23
CA TYR A 125 14.35 18.76 8.66
C TYR A 125 13.88 20.08 9.25
N LYS A 126 13.17 20.00 10.36
CA LYS A 126 12.72 21.17 11.08
C LYS A 126 13.87 21.80 11.86
N VAL A 127 13.85 23.14 11.95
CA VAL A 127 14.83 23.91 12.70
C VAL A 127 14.04 24.71 13.73
N ALA A 128 14.55 24.81 14.95
CA ALA A 128 13.87 25.57 16.01
C ALA A 128 13.88 27.08 15.70
N PRO A 129 12.75 27.78 15.95
CA PRO A 129 11.44 27.27 16.43
C PRO A 129 10.66 26.47 15.42
N GLU A 130 10.35 25.21 15.78
CA GLU A 130 9.79 24.27 14.90
C GLU A 130 8.35 24.54 14.50
N ASP A 131 7.65 25.40 15.26
CA ASP A 131 6.26 25.77 14.89
C ASP A 131 6.15 26.46 13.50
N LEU A 132 7.25 26.99 12.97
CA LEU A 132 7.31 27.47 11.57
C LEU A 132 7.10 26.35 10.53
N TYR A 133 7.26 25.07 10.92
CA TYR A 133 7.10 23.91 10.08
C TYR A 133 5.98 22.98 10.60
N LYS A 134 4.95 23.58 11.20
CA LYS A 134 3.85 22.81 11.79
C LYS A 134 3.23 21.94 10.71
N ASP A 135 3.16 20.63 10.95
CA ASP A 135 2.53 19.67 10.02
C ASP A 135 3.27 19.52 8.69
N PHE A 136 4.51 20.03 8.57
CA PHE A 136 5.30 19.80 7.38
C PHE A 136 5.77 18.34 7.34
N LEU A 137 5.94 17.82 6.15
CA LEU A 137 6.73 16.62 5.95
C LEU A 137 8.20 16.97 5.97
N THR A 138 8.99 15.94 6.28
CA THR A 138 10.45 16.02 6.35
C THR A 138 11.07 14.75 5.77
N LEU A 139 12.39 14.75 5.61
CA LEU A 139 13.07 13.52 5.20
C LEU A 139 12.79 12.38 6.15
N GLU A 140 12.74 12.66 7.44
CA GLU A 140 12.40 11.61 8.40
C GLU A 140 11.05 10.95 8.10
N HIS A 141 10.03 11.76 7.79
CA HIS A 141 8.73 11.22 7.43
C HIS A 141 8.83 10.26 6.24
N LEU A 142 9.56 10.68 5.21
CA LEU A 142 9.64 9.94 3.95
C LEU A 142 10.37 8.62 4.11
N ILE A 143 11.47 8.67 4.83
CA ILE A 143 12.25 7.46 5.15
C ILE A 143 11.42 6.56 6.06
N CYS A 144 10.73 7.14 7.04
CA CYS A 144 9.86 6.38 7.91
C CYS A 144 8.74 5.65 7.13
N TYR A 145 8.08 6.34 6.20
CA TYR A 145 7.06 5.68 5.35
C TYR A 145 7.68 4.52 4.60
N SER A 146 8.87 4.75 4.03
CA SER A 146 9.59 3.70 3.30
C SER A 146 9.87 2.43 4.17
N PHE A 147 10.41 2.65 5.37
CA PHE A 147 10.73 1.63 6.35
C PHE A 147 9.47 0.83 6.69
N GLN A 148 8.37 1.55 6.95
CA GLN A 148 7.08 0.90 7.28
C GLN A 148 6.59 -0.01 6.15
N VAL A 149 6.62 0.48 4.92
CA VAL A 149 6.22 -0.35 3.77
C VAL A 149 7.12 -1.57 3.62
N ALA A 150 8.43 -1.39 3.81
CA ALA A 150 9.33 -2.55 3.78
C ALA A 150 8.97 -3.58 4.84
N LYS A 151 8.63 -3.11 6.05
CA LYS A 151 8.21 -4.03 7.12
C LYS A 151 6.92 -4.76 6.77
N GLY A 152 5.95 -4.05 6.23
CA GLY A 152 4.74 -4.69 5.79
C GLY A 152 4.95 -5.70 4.67
N MET A 153 5.87 -5.42 3.76
CA MET A 153 6.16 -6.38 2.68
C MET A 153 6.99 -7.58 3.17
N GLU A 154 7.90 -7.36 4.11
CA GLU A 154 8.57 -8.47 4.75
C GLU A 154 7.53 -9.39 5.39
N PHE A 155 6.52 -8.80 6.02
CA PHE A 155 5.44 -9.58 6.63
C PHE A 155 4.70 -10.37 5.57
N LEU A 156 4.28 -9.67 4.52
CA LEU A 156 3.54 -10.36 3.44
C LEU A 156 4.37 -11.48 2.81
N ALA A 157 5.63 -11.21 2.54
CA ALA A 157 6.55 -12.24 2.03
C ALA A 157 6.64 -13.47 2.96
N SER A 158 6.63 -13.25 4.27
CA SER A 158 6.73 -14.30 5.27
C SER A 158 5.45 -15.16 5.34
N ARG A 159 4.33 -14.56 4.93
CA ARG A 159 3.07 -15.23 4.73
C ARG A 159 2.92 -15.87 3.33
N LYS A 160 4.00 -15.88 2.54
CA LYS A 160 4.04 -16.43 1.18
C LYS A 160 3.04 -15.72 0.25
N CYS A 161 2.92 -14.42 0.45
CA CYS A 161 2.02 -13.53 -0.31
C CYS A 161 2.85 -12.60 -1.20
N ILE A 162 2.59 -12.61 -2.50
CA ILE A 162 3.19 -11.66 -3.44
C ILE A 162 2.10 -10.59 -3.70
N HIS A 163 2.48 -9.34 -3.57
CA HIS A 163 1.53 -8.24 -3.72
C HIS A 163 0.99 -8.14 -5.15
N ARG A 164 1.90 -8.10 -6.12
CA ARG A 164 1.65 -7.98 -7.55
C ARG A 164 1.38 -6.57 -8.09
N ASP A 165 0.98 -5.62 -7.25
CA ASP A 165 0.80 -4.21 -7.68
C ASP A 165 1.18 -3.26 -6.58
N LEU A 166 2.39 -3.43 -6.07
CA LEU A 166 2.90 -2.53 -5.05
C LEU A 166 3.21 -1.14 -5.66
N ALA A 167 2.58 -0.12 -5.12
CA ALA A 167 2.58 1.22 -5.65
C ALA A 167 2.06 2.17 -4.56
N ALA A 168 2.41 3.46 -4.68
CA ALA A 168 1.99 4.41 -3.63
C ALA A 168 0.49 4.54 -3.54
N ARG A 169 -0.26 4.37 -4.65
CA ARG A 169 -1.72 4.35 -4.63
C ARG A 169 -2.32 3.24 -3.75
N ASN A 170 -1.53 2.19 -3.48
CA ASN A 170 -1.95 1.06 -2.63
C ASN A 170 -1.34 1.12 -1.25
N ILE A 171 -0.83 2.31 -0.86
CA ILE A 171 -0.38 2.56 0.51
C ILE A 171 -1.31 3.59 1.09
N LEU A 172 -1.91 3.27 2.25
CA LEU A 172 -2.87 4.19 2.89
C LEU A 172 -2.23 4.79 4.13
N LEU A 173 -2.56 6.04 4.41
CA LEU A 173 -1.98 6.76 5.55
C LEU A 173 -3.05 6.95 6.60
N SER A 174 -2.72 6.46 7.80
CA SER A 174 -3.57 6.56 8.95
C SER A 174 -3.05 7.69 9.86
N GLU A 175 -3.56 7.70 11.07
CA GLU A 175 -3.07 8.62 12.09
C GLU A 175 -1.65 8.29 12.52
N LYS A 176 -0.99 9.25 13.15
CA LYS A 176 0.33 9.06 13.77
C LYS A 176 1.35 8.58 12.73
N ASN A 177 1.20 9.05 11.49
CA ASN A 177 2.10 8.71 10.41
C ASN A 177 2.28 7.20 10.15
N VAL A 178 1.27 6.39 10.49
CA VAL A 178 1.30 4.95 10.22
C VAL A 178 0.80 4.70 8.78
N VAL A 179 1.57 3.97 7.98
CA VAL A 179 1.16 3.61 6.61
C VAL A 179 0.83 2.12 6.57
N LYS A 180 -0.10 1.80 5.68
CA LYS A 180 -0.67 0.45 5.59
C LYS A 180 -0.76 0.03 4.13
N ILE A 181 -0.25 -1.15 3.85
CA ILE A 181 -0.33 -1.70 2.49
C ILE A 181 -1.73 -2.28 2.26
N CYS A 182 -2.35 -2.03 1.11
CA CYS A 182 -3.63 -2.64 0.76
C CYS A 182 -3.56 -3.22 -0.64
N ASP A 183 -4.59 -3.95 -0.99
CA ASP A 183 -4.78 -4.51 -2.33
C ASP A 183 -3.76 -5.55 -2.79
N PHE A 184 -3.14 -6.20 -1.81
CA PHE A 184 -2.22 -7.31 -2.06
C PHE A 184 -2.96 -8.54 -2.55
N GLY A 185 -2.37 -9.17 -3.56
CA GLY A 185 -2.87 -10.41 -4.11
C GLY A 185 -4.04 -10.27 -5.09
N LEU A 186 -4.41 -9.05 -5.45
CA LEU A 186 -5.65 -8.81 -6.26
C LEU A 186 -5.39 -8.51 -7.75
N ALA A 187 -4.27 -7.83 -8.06
CA ALA A 187 -4.00 -7.36 -9.44
C ALA A 187 -4.14 -8.43 -10.52
N LEU A 204 -0.79 2.08 -17.47
CA LEU A 204 -0.53 2.40 -16.07
C LEU A 204 0.36 1.33 -15.39
N PRO A 205 -0.17 0.08 -15.13
CA PRO A 205 0.46 -0.97 -14.27
C PRO A 205 1.87 -1.31 -14.63
N LEU A 206 2.15 -1.19 -15.92
CA LEU A 206 3.48 -1.48 -16.41
C LEU A 206 4.58 -0.66 -15.79
N LYS A 207 4.26 0.57 -15.35
N LYS A 207 4.27 0.57 -15.33
CA LYS A 207 5.29 1.43 -14.77
CA LYS A 207 5.32 1.41 -14.72
C LYS A 207 5.83 0.88 -13.45
C LYS A 207 5.88 0.82 -13.46
N TRP A 208 5.15 -0.09 -12.81
CA TRP A 208 5.62 -0.70 -11.54
C TRP A 208 6.16 -2.08 -11.72
N MET A 209 6.10 -2.62 -12.94
CA MET A 209 6.43 -4.05 -13.18
C MET A 209 7.91 -4.30 -13.48
N ALA A 210 8.47 -5.31 -12.84
CA ALA A 210 9.84 -5.71 -13.14
C ALA A 210 9.96 -6.21 -14.59
N PRO A 211 11.14 -6.09 -15.24
CA PRO A 211 11.29 -6.58 -16.61
C PRO A 211 10.85 -8.04 -16.82
N GLU A 212 11.18 -8.91 -15.85
CA GLU A 212 10.77 -10.30 -15.95
C GLU A 212 9.25 -10.45 -15.90
N THR A 213 8.57 -9.55 -15.21
CA THR A 213 7.08 -9.56 -15.13
C THR A 213 6.50 -9.11 -16.46
N ILE A 214 7.08 -8.05 -17.04
CA ILE A 214 6.61 -7.54 -18.31
C ILE A 214 6.83 -8.56 -19.42
N PHE A 215 8.04 -9.12 -19.52
CA PHE A 215 8.40 -9.97 -20.64
C PHE A 215 8.05 -11.45 -20.48
N ASP A 216 8.18 -11.97 -19.27
CA ASP A 216 8.02 -13.40 -18.97
C ASP A 216 6.77 -13.69 -18.11
N ARG A 217 6.02 -12.65 -17.70
CA ARG A 217 4.84 -12.77 -16.79
C ARG A 217 5.14 -13.54 -15.49
N VAL A 218 6.34 -13.32 -14.98
CA VAL A 218 6.82 -13.91 -13.73
C VAL A 218 6.51 -12.91 -12.64
N TYR A 219 5.73 -13.33 -11.64
CA TYR A 219 5.53 -12.59 -10.40
C TYR A 219 6.14 -13.35 -9.21
N THR A 220 7.01 -12.66 -8.48
CA THR A 220 7.72 -13.23 -7.34
C THR A 220 7.88 -12.11 -6.31
N ILE A 221 8.41 -12.48 -5.14
CA ILE A 221 8.71 -11.47 -4.13
C ILE A 221 9.80 -10.52 -4.62
N GLN A 222 10.71 -11.02 -5.45
CA GLN A 222 11.74 -10.15 -6.05
C GLN A 222 11.18 -9.18 -7.12
N SER A 223 10.10 -9.54 -7.82
CA SER A 223 9.44 -8.55 -8.69
C SER A 223 8.72 -7.51 -7.80
N ASP A 224 8.19 -7.89 -6.64
CA ASP A 224 7.67 -6.87 -5.70
C ASP A 224 8.73 -5.88 -5.19
N VAL A 225 9.97 -6.39 -5.00
CA VAL A 225 11.08 -5.51 -4.64
C VAL A 225 11.33 -4.44 -5.71
N TRP A 226 11.31 -4.82 -6.98
CA TRP A 226 11.36 -3.86 -8.08
C TRP A 226 10.28 -2.80 -7.94
N SER A 227 9.03 -3.24 -7.73
CA SER A 227 7.96 -2.32 -7.53
C SER A 227 8.18 -1.39 -6.33
N PHE A 228 8.70 -1.95 -5.23
CA PHE A 228 9.10 -1.17 -4.05
C PHE A 228 10.05 -0.04 -4.42
N GLY A 229 10.99 -0.33 -5.32
CA GLY A 229 11.84 0.72 -5.89
C GLY A 229 11.11 1.87 -6.54
N VAL A 230 10.08 1.53 -7.32
CA VAL A 230 9.26 2.52 -7.94
C VAL A 230 8.49 3.30 -6.88
N LEU A 231 7.96 2.58 -5.91
CA LEU A 231 7.25 3.22 -4.78
C LEU A 231 8.18 4.23 -4.07
N LEU A 232 9.42 3.83 -3.82
CA LEU A 232 10.40 4.76 -3.25
C LEU A 232 10.54 6.04 -4.10
N TRP A 233 10.62 5.89 -5.42
CA TRP A 233 10.69 7.07 -6.30
C TRP A 233 9.43 7.96 -6.13
N GLU A 234 8.26 7.32 -6.02
CA GLU A 234 7.02 8.04 -5.81
C GLU A 234 7.10 8.78 -4.46
N ILE A 235 7.65 8.12 -3.44
CA ILE A 235 7.75 8.81 -2.13
C ILE A 235 8.66 10.04 -2.23
N PHE A 236 9.84 9.84 -2.76
CA PHE A 236 10.85 10.91 -2.78
C PHE A 236 10.71 11.91 -3.94
N SER A 237 9.63 11.79 -4.71
CA SER A 237 9.14 12.80 -5.63
C SER A 237 7.89 13.48 -5.10
N LEU A 238 7.51 13.20 -3.85
CA LEU A 238 6.27 13.69 -3.26
C LEU A 238 5.06 13.44 -4.16
N GLY A 239 4.95 12.18 -4.57
CA GLY A 239 3.74 11.73 -5.26
C GLY A 239 3.69 11.96 -6.76
N ALA A 240 4.85 12.10 -7.41
CA ALA A 240 4.84 12.21 -8.88
C ALA A 240 4.53 10.86 -9.51
N SER A 241 4.05 10.94 -10.77
CA SER A 241 3.82 9.75 -11.63
C SER A 241 5.16 9.27 -12.19
N PRO A 242 5.46 7.96 -12.11
CA PRO A 242 6.73 7.45 -12.63
C PRO A 242 6.90 7.68 -14.13
N TYR A 243 8.17 7.73 -14.54
CA TYR A 243 8.54 7.88 -15.95
C TYR A 243 7.85 9.07 -16.61
N PRO A 244 8.07 10.28 -16.04
CA PRO A 244 7.49 11.44 -16.68
C PRO A 244 7.95 11.64 -18.10
N GLY A 245 7.00 11.98 -18.98
CA GLY A 245 7.29 12.32 -20.33
C GLY A 245 7.49 11.15 -21.26
N VAL A 246 7.23 9.92 -20.77
CA VAL A 246 7.48 8.70 -21.53
C VAL A 246 6.15 7.98 -21.79
N LYS A 247 5.90 7.64 -23.06
CA LYS A 247 4.77 6.76 -23.41
C LYS A 247 5.18 5.35 -23.01
N ILE A 248 4.29 4.63 -22.35
CA ILE A 248 4.60 3.28 -21.88
C ILE A 248 4.27 2.30 -23.01
N ASP A 249 5.25 2.06 -23.88
CA ASP A 249 5.09 1.21 -25.03
C ASP A 249 6.32 0.32 -25.20
N GLU A 250 6.46 -0.29 -26.35
CA GLU A 250 7.53 -1.24 -26.57
C GLU A 250 8.95 -0.69 -26.38
N GLU A 251 9.12 0.60 -26.69
CA GLU A 251 10.43 1.25 -26.53
C GLU A 251 10.78 1.45 -25.05
N PHE A 252 9.78 1.84 -24.25
CA PHE A 252 9.92 1.94 -22.80
C PHE A 252 10.40 0.57 -22.28
N CYS A 253 9.71 -0.50 -22.68
CA CYS A 253 10.04 -1.83 -22.20
C CYS A 253 11.44 -2.23 -22.66
N ARG A 254 11.80 -1.89 -23.90
CA ARG A 254 13.11 -2.26 -24.44
C ARG A 254 14.23 -1.54 -23.68
N ARG A 255 14.04 -0.24 -23.46
CA ARG A 255 15.04 0.55 -22.74
C ARG A 255 15.19 0.04 -21.28
N LEU A 256 14.09 -0.38 -20.66
CA LEU A 256 14.16 -0.90 -19.30
C LEU A 256 15.03 -2.15 -19.25
N LYS A 257 14.77 -3.06 -20.19
CA LYS A 257 15.52 -4.30 -20.35
C LYS A 257 17.02 -4.01 -20.54
N GLU A 258 17.36 -2.99 -21.34
CA GLU A 258 18.74 -2.58 -21.62
C GLU A 258 19.44 -1.86 -20.46
N GLY A 259 18.69 -1.54 -19.40
CA GLY A 259 19.25 -1.05 -18.13
C GLY A 259 18.92 0.41 -17.78
N THR A 260 18.13 1.10 -18.59
CA THR A 260 17.85 2.51 -18.34
C THR A 260 16.89 2.63 -17.17
N ARG A 261 17.09 3.67 -16.35
CA ARG A 261 16.36 3.84 -15.10
C ARG A 261 15.96 5.32 -14.94
N MET A 262 14.95 5.53 -14.10
CA MET A 262 14.56 6.88 -13.74
C MET A 262 15.69 7.63 -13.08
N ARG A 263 15.73 8.92 -13.35
CA ARG A 263 16.65 9.82 -12.67
C ARG A 263 16.21 10.06 -11.23
N ALA A 264 17.16 10.52 -10.40
CA ALA A 264 16.88 10.83 -9.00
C ALA A 264 15.72 11.83 -8.89
N PRO A 265 14.74 11.56 -7.99
CA PRO A 265 13.64 12.51 -7.85
C PRO A 265 14.03 13.68 -6.94
N ASP A 266 13.16 14.69 -6.91
CA ASP A 266 13.53 16.00 -6.37
C ASP A 266 13.88 16.04 -4.87
N TYR A 267 13.33 15.11 -4.08
CA TYR A 267 13.50 15.14 -2.62
C TYR A 267 14.34 13.99 -2.09
N THR A 268 15.01 13.26 -2.98
CA THR A 268 15.81 12.15 -2.53
C THR A 268 17.13 12.57 -1.84
N THR A 269 17.60 11.66 -1.00
CA THR A 269 19.00 11.63 -0.57
C THR A 269 19.79 10.72 -1.51
N PRO A 270 21.11 10.88 -1.60
CA PRO A 270 21.87 9.93 -2.44
C PRO A 270 21.69 8.46 -2.05
N GLU A 271 21.58 8.19 -0.75
CA GLU A 271 21.47 6.81 -0.26
C GLU A 271 20.15 6.19 -0.68
N MET A 272 19.07 6.97 -0.57
CA MET A 272 17.76 6.53 -1.01
C MET A 272 17.73 6.32 -2.51
N TYR A 273 18.40 7.17 -3.27
CA TYR A 273 18.44 6.96 -4.73
C TYR A 273 19.19 5.67 -5.07
N GLN A 274 20.32 5.43 -4.40
CA GLN A 274 21.06 4.20 -4.62
C GLN A 274 20.20 2.96 -4.25
N THR A 275 19.41 3.09 -3.19
CA THR A 275 18.43 2.05 -2.81
C THR A 275 17.44 1.77 -3.93
N MET A 276 16.93 2.82 -4.58
CA MET A 276 16.06 2.61 -5.77
C MET A 276 16.78 1.81 -6.82
N LEU A 277 18.01 2.23 -7.15
CA LEU A 277 18.80 1.52 -8.17
C LEU A 277 19.03 0.06 -7.86
N ASP A 278 19.29 -0.23 -6.58
CA ASP A 278 19.45 -1.60 -6.09
C ASP A 278 18.19 -2.43 -6.28
N CYS A 279 17.03 -1.86 -5.97
CA CYS A 279 15.73 -2.51 -6.18
C CYS A 279 15.45 -2.78 -7.65
N TRP A 280 16.06 -1.98 -8.54
CA TRP A 280 15.90 -2.11 -9.97
C TRP A 280 17.01 -2.88 -10.68
N HIS A 281 17.74 -3.70 -9.93
CA HIS A 281 18.70 -4.57 -10.58
C HIS A 281 17.99 -5.44 -11.61
N GLY A 282 18.57 -5.55 -12.81
CA GLY A 282 17.97 -6.40 -13.84
C GLY A 282 17.84 -7.88 -13.46
N GLU A 283 18.76 -8.36 -12.64
CA GLU A 283 18.77 -9.74 -12.12
C GLU A 283 17.97 -9.83 -10.80
N PRO A 284 16.82 -10.55 -10.79
CA PRO A 284 15.97 -10.56 -9.59
C PRO A 284 16.74 -11.03 -8.34
N SER A 285 17.63 -12.02 -8.51
CA SER A 285 18.39 -12.54 -7.40
C SER A 285 19.40 -11.54 -6.82
N GLN A 286 19.75 -10.48 -7.56
CA GLN A 286 20.69 -9.46 -7.05
C GLN A 286 20.02 -8.22 -6.42
N ARG A 287 18.68 -8.19 -6.39
CA ARG A 287 17.95 -7.15 -5.67
C ARG A 287 18.02 -7.46 -4.17
N PRO A 288 17.94 -6.41 -3.32
CA PRO A 288 17.85 -6.69 -1.89
C PRO A 288 16.57 -7.45 -1.55
N THR A 289 16.57 -8.17 -0.43
CA THR A 289 15.31 -8.74 0.07
C THR A 289 14.60 -7.69 0.89
N PHE A 290 13.32 -7.93 1.19
CA PHE A 290 12.63 -6.95 2.05
C PHE A 290 13.24 -6.93 3.47
N SER A 291 13.72 -8.06 4.00
CA SER A 291 14.40 -8.06 5.31
C SER A 291 15.66 -7.19 5.24
N GLU A 292 16.41 -7.27 4.14
CA GLU A 292 17.57 -6.39 3.95
C GLU A 292 17.19 -4.91 3.87
N LEU A 293 16.07 -4.65 3.21
CA LEU A 293 15.55 -3.27 3.08
C LEU A 293 15.10 -2.70 4.42
N VAL A 294 14.46 -3.53 5.25
CA VAL A 294 14.05 -3.11 6.60
C VAL A 294 15.29 -2.71 7.41
N GLU A 295 16.30 -3.57 7.41
CA GLU A 295 17.51 -3.29 8.17
C GLU A 295 18.14 -1.98 7.66
N HIS A 296 18.30 -1.88 6.34
CA HIS A 296 18.94 -0.74 5.67
C HIS A 296 18.20 0.56 5.92
N LEU A 297 16.89 0.55 5.67
CA LEU A 297 16.09 1.76 5.93
C LEU A 297 16.07 2.15 7.39
N GLY A 298 16.06 1.14 8.28
CA GLY A 298 16.11 1.36 9.72
C GLY A 298 17.42 2.07 10.07
N ASN A 299 18.53 1.63 9.44
CA ASN A 299 19.84 2.29 9.57
C ASN A 299 19.83 3.71 9.00
N LEU A 300 19.26 3.89 7.81
CA LEU A 300 19.11 5.22 7.20
C LEU A 300 18.26 6.17 8.05
N LEU A 301 17.27 5.61 8.75
CA LEU A 301 16.37 6.40 9.57
C LEU A 301 17.04 6.89 10.85
N GLN A 302 17.83 6.03 11.50
CA GLN A 302 18.67 6.43 12.65
C GLN A 302 19.79 7.40 12.22
N ALA A 303 20.43 7.16 11.08
CA ALA A 303 21.46 8.09 10.53
C ALA A 303 20.86 9.46 10.23
N ASN A 304 19.72 9.48 9.56
CA ASN A 304 18.94 10.70 9.41
C ASN A 304 18.50 11.19 10.79
#